data_6KQQ
#
_entry.id   6KQQ
#
_cell.length_a   40.469
_cell.length_b   60.811
_cell.length_c   64.255
_cell.angle_alpha   101.182
_cell.angle_beta   107.756
_cell.angle_gamma   93.585
#
_symmetry.space_group_name_H-M   'P 1'
#
loop_
_entity.id
_entity.type
_entity.pdbx_description
1 polymer 'Histone-lysine N-methyltransferase, H3 lysine-36 and H4 lysine-20 specific'
2 non-polymer S-ADENOSYLMETHIONINE
3 non-polymer 2-azanyl-6-sulfanyl-1,3-benzothiazol-4-ol
4 non-polymer 2-azanyl-6-[(2-azanyl-4-oxidanyl-1,3-benzothiazol-6-yl)disulfanyl]-1,3-benzothiazol-4-ol
5 non-polymer 'ZINC ION'
6 non-polymer 'CALCIUM ION'
7 non-polymer GLYCEROL
8 water water
#
_entity_poly.entity_id   1
_entity_poly.type   'polypeptide(L)'
_entity_poly.pdbx_seq_one_letter_code
;NDKKPPPYKHIKVNRPIGRVQIFTADLSEIPRCNCKATDENPCGIDSECINRMLLYECHPTVCPAGGRCQNQCFSKRQYP
EVEIFRTLQRGWGLRTKTDIKKGEFVNEYVGELIDEEECRARIRYAQEHDITNFYMLTLDKDRIIDAGPKGNYARFMNHC
CQPNCETQKWSVNGDTRVGLFALSDIKAGTELTFNYNLECLGNGKTVCKCGAPNCSGFLGVRP
;
_entity_poly.pdbx_strand_id   A,B
#
# COMPACT_ATOMS: atom_id res chain seq x y z
N ASN A 1 -3.30 1.64 25.62
CA ASN A 1 -4.04 1.67 26.87
C ASN A 1 -5.21 2.64 26.78
N ASP A 2 -5.85 2.91 27.92
CA ASP A 2 -7.06 3.73 27.96
C ASP A 2 -6.80 5.12 28.50
N LYS A 3 -5.54 5.54 28.53
CA LYS A 3 -5.20 6.88 28.99
C LYS A 3 -5.16 7.84 27.80
N LYS A 4 -5.35 9.11 28.11
CA LYS A 4 -5.35 10.14 27.09
C LYS A 4 -4.02 10.10 26.32
N PRO A 5 -4.05 10.07 24.99
CA PRO A 5 -2.80 10.01 24.24
C PRO A 5 -2.15 11.38 24.14
N PRO A 6 -0.89 11.46 23.74
CA PRO A 6 -0.36 12.76 23.31
C PRO A 6 -1.28 13.36 22.27
N PRO A 7 -1.61 14.65 22.38
CA PRO A 7 -2.57 15.24 21.45
C PRO A 7 -2.22 15.02 19.98
N TYR A 8 -0.95 14.97 19.61
CA TYR A 8 -0.67 14.81 18.18
C TYR A 8 -1.05 13.44 17.65
N LYS A 9 -1.33 12.47 18.52
CA LYS A 9 -1.71 11.14 18.04
C LYS A 9 -3.21 10.99 17.90
N HIS A 10 -4.00 11.91 18.43
CA HIS A 10 -5.44 11.91 18.20
C HIS A 10 -5.73 12.86 17.04
N ILE A 11 -6.12 12.30 15.90
CA ILE A 11 -6.43 13.14 14.74
C ILE A 11 -7.93 13.03 14.47
N LYS A 12 -8.50 14.09 13.91
CA LYS A 12 -9.93 14.10 13.65
C LYS A 12 -10.29 13.78 12.21
N VAL A 13 -9.42 14.12 11.25
CA VAL A 13 -9.61 13.75 9.85
C VAL A 13 -8.38 13.02 9.35
N ASN A 14 -8.53 12.30 8.24
CA ASN A 14 -7.44 11.47 7.71
C ASN A 14 -6.21 12.32 7.40
N ARG A 15 -5.03 11.74 7.63
CA ARG A 15 -3.75 12.46 7.54
C ARG A 15 -2.91 11.92 6.40
N PRO A 16 -2.80 12.62 5.27
CA PRO A 16 -2.04 12.06 4.14
C PRO A 16 -0.54 12.09 4.40
N ILE A 17 0.13 10.99 4.00
CA ILE A 17 1.54 10.76 4.25
C ILE A 17 2.28 10.72 2.91
N GLY A 18 3.41 11.40 2.85
CA GLY A 18 4.32 11.23 1.71
C GLY A 18 3.69 11.65 0.40
N ARG A 19 3.67 10.73 -0.57
CA ARG A 19 3.14 11.02 -1.91
C ARG A 19 1.63 10.83 -2.02
N VAL A 20 0.92 10.46 -0.95
CA VAL A 20 -0.48 10.10 -1.08
C VAL A 20 -1.30 11.35 -1.41
N GLN A 21 -2.23 11.22 -2.34
CA GLN A 21 -3.10 12.32 -2.71
C GLN A 21 -4.46 12.19 -2.03
N ILE A 22 -5.09 13.35 -1.79
CA ILE A 22 -6.51 13.41 -1.47
C ILE A 22 -7.18 14.25 -2.55
N PHE A 23 -8.49 14.04 -2.71
CA PHE A 23 -9.23 14.57 -3.85
C PHE A 23 -10.38 15.44 -3.36
N THR A 24 -10.73 16.43 -4.18
CA THR A 24 -11.82 17.35 -3.90
C THR A 24 -12.77 17.37 -5.08
N ALA A 25 -14.04 17.60 -4.81
CA ALA A 25 -15.04 17.69 -5.86
C ALA A 25 -15.29 19.14 -6.24
N ASP A 26 -15.59 19.35 -7.51
CA ASP A 26 -16.35 20.52 -7.92
C ASP A 26 -17.78 20.35 -7.42
N LEU A 27 -18.38 21.45 -6.96
CA LEU A 27 -19.72 21.33 -6.36
C LEU A 27 -20.75 20.82 -7.35
N SER A 28 -20.52 20.99 -8.66
CA SER A 28 -21.44 20.49 -9.67
C SER A 28 -21.38 18.98 -9.85
N GLU A 29 -20.36 18.30 -9.30
CA GLU A 29 -20.26 16.85 -9.38
C GLU A 29 -20.83 16.16 -8.14
N ILE A 30 -21.41 16.92 -7.21
CA ILE A 30 -21.92 16.39 -5.96
C ILE A 30 -23.45 16.28 -6.07
N PRO A 31 -24.01 15.10 -5.82
CA PRO A 31 -25.47 14.96 -5.97
C PRO A 31 -26.25 15.83 -4.99
N ARG A 32 -27.39 16.34 -5.44
CA ARG A 32 -28.29 17.15 -4.63
C ARG A 32 -29.60 16.38 -4.46
N CYS A 33 -30.07 16.25 -3.22
CA CYS A 33 -31.21 15.39 -2.99
C CYS A 33 -32.51 16.20 -3.04
N ASN A 34 -33.64 15.52 -2.79
CA ASN A 34 -34.96 16.11 -2.87
C ASN A 34 -35.64 16.23 -1.51
N CYS A 35 -34.90 16.03 -0.42
CA CYS A 35 -35.46 16.22 0.90
C CYS A 35 -35.80 17.69 1.12
N LYS A 36 -36.66 17.94 2.11
CA LYS A 36 -37.07 19.29 2.43
C LYS A 36 -36.62 19.64 3.85
N ALA A 37 -36.29 20.91 4.05
CA ALA A 37 -35.95 21.38 5.40
C ALA A 37 -37.09 21.15 6.37
N THR A 38 -38.33 21.16 5.89
CA THR A 38 -39.50 20.94 6.75
C THR A 38 -39.80 19.47 7.00
N ASP A 39 -39.00 18.54 6.45
CA ASP A 39 -39.27 17.13 6.69
C ASP A 39 -39.03 16.78 8.16
N GLU A 40 -39.65 15.67 8.60
CA GLU A 40 -39.51 15.24 9.99
C GLU A 40 -38.06 14.99 10.34
N ASN A 41 -37.32 14.33 9.46
CA ASN A 41 -35.88 14.10 9.66
C ASN A 41 -35.21 14.21 8.30
N PRO A 42 -34.95 15.44 7.84
CA PRO A 42 -34.44 15.64 6.48
C PRO A 42 -33.12 14.90 6.27
N CYS A 43 -33.07 14.08 5.22
CA CYS A 43 -31.86 13.31 4.86
C CYS A 43 -31.46 12.32 5.94
N GLY A 44 -32.42 11.87 6.76
CA GLY A 44 -32.13 10.95 7.84
C GLY A 44 -32.16 9.50 7.39
N ILE A 45 -31.86 8.60 8.34
CA ILE A 45 -31.63 7.20 7.99
C ILE A 45 -32.88 6.50 7.49
N ASP A 46 -34.06 7.03 7.80
CA ASP A 46 -35.31 6.46 7.30
C ASP A 46 -35.84 7.20 6.07
N SER A 47 -35.20 8.30 5.67
CA SER A 47 -35.69 9.09 4.55
C SER A 47 -35.49 8.36 3.23
N GLU A 48 -35.95 8.98 2.15
CA GLU A 48 -35.69 8.54 0.79
C GLU A 48 -34.59 9.36 0.12
N CYS A 49 -33.69 9.92 0.91
CA CYS A 49 -32.67 10.82 0.39
C CYS A 49 -31.78 10.09 -0.61
N ILE A 50 -31.70 10.64 -1.83
CA ILE A 50 -30.91 10.00 -2.89
C ILE A 50 -29.42 10.00 -2.54
N ASN A 51 -28.94 11.05 -1.85
CA ASN A 51 -27.55 11.08 -1.43
C ASN A 51 -27.22 9.88 -0.54
N ARG A 52 -28.10 9.58 0.43
CA ARG A 52 -27.89 8.42 1.27
C ARG A 52 -27.91 7.13 0.47
N MET A 53 -28.82 7.05 -0.52
CA MET A 53 -28.87 5.84 -1.34
C MET A 53 -27.56 5.63 -2.08
N LEU A 54 -26.89 6.71 -2.45
CA LEU A 54 -25.64 6.65 -3.19
C LEU A 54 -24.41 6.60 -2.29
N LEU A 55 -24.60 6.56 -0.98
CA LEU A 55 -23.51 6.67 -0.01
C LEU A 55 -22.65 7.89 -0.30
N TYR A 56 -23.32 9.02 -0.52
CA TYR A 56 -22.66 10.30 -0.71
C TYR A 56 -23.19 11.23 0.37
N GLU A 57 -22.29 11.79 1.15
CA GLU A 57 -22.68 12.78 2.15
C GLU A 57 -23.19 14.03 1.46
N CYS A 58 -24.26 14.62 1.99
CA CYS A 58 -24.74 15.90 1.46
C CYS A 58 -23.68 16.98 1.65
N HIS A 59 -23.54 17.84 0.64
CA HIS A 59 -22.59 18.92 0.86
C HIS A 59 -23.29 20.13 1.50
N PRO A 60 -22.68 20.78 2.50
CA PRO A 60 -23.40 21.84 3.23
C PRO A 60 -23.71 23.07 2.41
N THR A 61 -23.03 23.30 1.28
CA THR A 61 -23.35 24.43 0.41
C THR A 61 -24.54 24.16 -0.48
N VAL A 62 -24.96 22.89 -0.59
CA VAL A 62 -25.83 22.43 -1.67
C VAL A 62 -27.17 21.89 -1.16
N CYS A 63 -27.16 21.13 -0.08
CA CYS A 63 -28.34 20.36 0.27
C CYS A 63 -29.52 21.28 0.60
N PRO A 64 -30.72 21.00 0.07
CA PRO A 64 -31.87 21.86 0.39
C PRO A 64 -32.24 21.88 1.86
N ALA A 65 -31.93 20.83 2.62
CA ALA A 65 -32.24 20.86 4.04
C ALA A 65 -31.35 21.83 4.80
N GLY A 66 -30.23 22.25 4.21
CA GLY A 66 -29.31 23.14 4.89
C GLY A 66 -28.89 22.59 6.24
N GLY A 67 -28.95 23.44 7.27
CA GLY A 67 -28.52 23.05 8.61
C GLY A 67 -29.36 21.98 9.26
N ARG A 68 -30.53 21.66 8.71
CA ARG A 68 -31.35 20.57 9.20
C ARG A 68 -30.97 19.24 8.57
N CYS A 69 -30.02 19.24 7.65
CA CYS A 69 -29.62 18.00 6.99
C CYS A 69 -29.03 17.04 8.01
N GLN A 70 -29.55 15.81 8.00
CA GLN A 70 -29.05 14.76 8.89
C GLN A 70 -28.13 13.80 8.18
N ASN A 71 -27.62 14.17 7.01
CA ASN A 71 -26.72 13.36 6.21
C ASN A 71 -25.35 14.04 6.06
N GLN A 72 -24.84 14.56 7.16
CA GLN A 72 -23.52 15.15 7.20
C GLN A 72 -22.70 14.54 8.35
N CYS A 73 -22.87 13.24 8.56
CA CYS A 73 -22.33 12.57 9.73
C CYS A 73 -20.81 12.64 9.79
N PHE A 74 -20.15 12.42 8.65
CA PHE A 74 -18.68 12.40 8.62
C PHE A 74 -18.11 13.77 8.96
N SER A 75 -18.63 14.81 8.31
CA SER A 75 -18.10 16.15 8.51
C SER A 75 -18.36 16.68 9.90
N LYS A 76 -19.51 16.34 10.51
CA LYS A 76 -19.85 16.89 11.82
C LYS A 76 -19.18 16.13 12.96
N ARG A 77 -18.70 14.92 12.72
CA ARG A 77 -17.99 14.14 13.74
C ARG A 77 -18.76 14.07 15.07
N GLN A 78 -20.06 13.91 15.01
CA GLN A 78 -20.83 13.63 16.22
C GLN A 78 -21.09 12.12 16.26
N TYR A 79 -20.39 11.45 17.15
CA TYR A 79 -20.32 10.02 17.36
C TYR A 79 -21.05 9.66 18.64
N PRO A 80 -21.75 8.51 18.68
CA PRO A 80 -22.25 8.00 19.97
C PRO A 80 -21.11 7.93 20.98
N GLU A 81 -21.46 8.19 22.25
CA GLU A 81 -20.45 8.17 23.32
C GLU A 81 -19.92 6.75 23.51
N VAL A 82 -18.60 6.62 23.58
CA VAL A 82 -17.93 5.32 23.69
C VAL A 82 -16.88 5.40 24.79
N GLU A 83 -16.34 4.23 25.15
CA GLU A 83 -15.26 4.19 26.12
C GLU A 83 -14.33 3.02 25.81
N ILE A 84 -13.04 3.24 26.04
CA ILE A 84 -12.02 2.20 25.89
C ILE A 84 -11.98 1.36 27.16
N PHE A 85 -11.86 0.04 27.00
CA PHE A 85 -11.84 -0.86 28.14
C PHE A 85 -10.98 -2.07 27.82
N ARG A 86 -10.48 -2.73 28.85
CA ARG A 86 -9.64 -3.91 28.69
C ARG A 86 -10.49 -5.15 28.57
N THR A 87 -10.27 -5.93 27.52
CA THR A 87 -10.90 -7.23 27.39
C THR A 87 -10.04 -8.33 28.03
N LEU A 88 -10.60 -9.54 28.11
CA LEU A 88 -9.86 -10.64 28.71
C LEU A 88 -8.71 -11.09 27.82
N GLN A 89 -8.98 -11.32 26.53
CA GLN A 89 -7.98 -11.94 25.66
C GLN A 89 -7.79 -11.22 24.33
N ARG A 90 -8.45 -10.08 24.10
CA ARG A 90 -8.35 -9.34 22.84
C ARG A 90 -7.79 -7.93 23.02
N GLY A 91 -6.95 -7.71 24.03
CA GLY A 91 -6.37 -6.40 24.28
C GLY A 91 -7.41 -5.38 24.73
N TRP A 92 -7.18 -4.12 24.34
CA TRP A 92 -8.17 -3.08 24.58
C TRP A 92 -9.25 -3.14 23.52
N GLY A 93 -10.47 -2.77 23.92
CA GLY A 93 -11.59 -2.70 22.99
C GLY A 93 -12.37 -1.42 23.21
N LEU A 94 -13.47 -1.31 22.46
CA LEU A 94 -14.33 -0.13 22.49
C LEU A 94 -15.76 -0.57 22.78
N ARG A 95 -16.43 0.11 23.71
CA ARG A 95 -17.83 -0.19 23.94
C ARG A 95 -18.63 1.10 23.99
N THR A 96 -19.90 0.98 23.61
CA THR A 96 -20.78 2.14 23.59
C THR A 96 -21.34 2.39 24.99
N LYS A 97 -21.44 3.65 25.35
CA LYS A 97 -22.10 4.06 26.59
C LYS A 97 -23.56 4.41 26.39
N THR A 98 -24.06 4.32 25.15
CA THR A 98 -25.43 4.70 24.83
C THR A 98 -26.03 3.69 23.88
N ASP A 99 -27.37 3.59 23.91
CA ASP A 99 -28.07 2.76 22.94
C ASP A 99 -27.82 3.30 21.53
N ILE A 100 -27.64 2.37 20.58
CA ILE A 100 -27.44 2.70 19.16
C ILE A 100 -28.46 1.91 18.35
N LYS A 101 -29.08 2.56 17.38
CA LYS A 101 -30.09 1.92 16.57
C LYS A 101 -29.48 1.35 15.30
N LYS A 102 -30.08 0.25 14.82
CA LYS A 102 -29.64 -0.36 13.58
C LYS A 102 -29.49 0.67 12.46
N GLY A 103 -28.38 0.59 11.74
CA GLY A 103 -28.10 1.50 10.65
C GLY A 103 -27.50 2.83 11.04
N GLU A 104 -27.40 3.15 12.32
CA GLU A 104 -26.88 4.45 12.78
CA GLU A 104 -26.89 4.47 12.69
C GLU A 104 -25.38 4.54 12.55
N PHE A 105 -24.91 5.76 12.31
CA PHE A 105 -23.48 6.05 12.17
C PHE A 105 -22.79 5.95 13.53
N VAL A 106 -21.75 5.13 13.61
CA VAL A 106 -21.05 4.90 14.88
C VAL A 106 -19.77 5.73 14.97
N ASN A 107 -18.97 5.75 13.90
CA ASN A 107 -17.68 6.41 13.94
C ASN A 107 -17.11 6.44 12.52
N GLU A 108 -16.06 7.22 12.34
CA GLU A 108 -15.27 7.16 11.11
C GLU A 108 -13.95 6.50 11.42
N TYR A 109 -13.50 5.60 10.54
CA TYR A 109 -12.20 4.98 10.71
C TYR A 109 -11.16 5.96 10.20
N VAL A 110 -10.59 6.74 11.11
CA VAL A 110 -9.67 7.81 10.76
C VAL A 110 -8.25 7.34 11.02
N GLY A 111 -7.33 7.66 10.11
CA GLY A 111 -5.94 7.34 10.36
C GLY A 111 -5.03 8.04 9.39
N GLU A 112 -3.77 7.61 9.37
CA GLU A 112 -2.83 8.11 8.39
C GLU A 112 -3.10 7.44 7.05
N LEU A 113 -3.16 8.23 5.98
CA LEU A 113 -3.41 7.72 4.63
CA LEU A 113 -3.41 7.72 4.64
C LEU A 113 -2.07 7.48 3.96
N ILE A 114 -1.74 6.22 3.70
CA ILE A 114 -0.41 5.85 3.24
C ILE A 114 -0.52 5.02 1.95
N ASP A 115 0.57 4.99 1.19
CA ASP A 115 0.58 4.15 0.00
C ASP A 115 1.15 2.79 0.35
N GLU A 116 1.24 1.92 -0.67
CA GLU A 116 1.60 0.53 -0.41
C GLU A 116 3.07 0.38 -0.04
N GLU A 117 3.93 1.22 -0.61
CA GLU A 117 5.34 1.24 -0.22
C GLU A 117 5.49 1.56 1.26
N GLU A 118 4.78 2.60 1.73
CA GLU A 118 4.87 2.99 3.14
C GLU A 118 4.26 1.91 4.03
N CYS A 119 3.17 1.30 3.58
CA CYS A 119 2.55 0.26 4.39
C CYS A 119 3.49 -0.93 4.56
N ARG A 120 4.21 -1.29 3.49
CA ARG A 120 5.17 -2.38 3.59
C ARG A 120 6.28 -2.06 4.60
N ALA A 121 6.77 -0.82 4.58
CA ALA A 121 7.80 -0.42 5.54
C ALA A 121 7.30 -0.53 6.96
N ARG A 122 6.04 -0.14 7.19
CA ARG A 122 5.46 -0.20 8.52
C ARG A 122 5.23 -1.63 8.97
N ILE A 123 4.82 -2.51 8.04
CA ILE A 123 4.63 -3.90 8.45
C ILE A 123 5.98 -4.54 8.74
N ARG A 124 7.01 -4.21 7.96
CA ARG A 124 8.33 -4.77 8.23
C ARG A 124 8.88 -4.29 9.58
N TYR A 125 8.64 -3.01 9.91
CA TYR A 125 9.03 -2.52 11.22
C TYR A 125 8.32 -3.31 12.32
N ALA A 126 7.02 -3.54 12.17
CA ALA A 126 6.28 -4.32 13.16
C ALA A 126 6.87 -5.72 13.31
N GLN A 127 7.27 -6.34 12.20
CA GLN A 127 7.89 -7.66 12.26
C GLN A 127 9.15 -7.62 13.12
N GLU A 128 9.99 -6.60 12.91
CA GLU A 128 11.27 -6.51 13.63
C GLU A 128 11.10 -6.19 15.10
N HIS A 129 9.98 -5.60 15.51
CA HIS A 129 9.79 -5.22 16.91
C HIS A 129 8.68 -6.02 17.59
N ASP A 130 8.30 -7.16 17.02
CA ASP A 130 7.35 -8.09 17.65
C ASP A 130 6.00 -7.44 17.93
N ILE A 131 5.61 -6.46 17.11
CA ILE A 131 4.33 -5.79 17.26
C ILE A 131 3.22 -6.68 16.71
N THR A 132 2.17 -6.89 17.51
CA THR A 132 1.11 -7.82 17.15
C THR A 132 -0.26 -7.15 17.08
N ASN A 133 -0.31 -5.82 17.09
CA ASN A 133 -1.53 -5.06 16.87
C ASN A 133 -1.43 -4.33 15.54
N PHE A 134 -2.45 -4.47 14.69
CA PHE A 134 -2.48 -3.78 13.40
C PHE A 134 -3.79 -3.02 13.26
N TYR A 135 -3.71 -1.90 12.53
CA TYR A 135 -4.79 -0.94 12.44
C TYR A 135 -4.95 -0.45 11.00
N MET A 136 -4.60 -1.29 10.02
CA MET A 136 -4.63 -0.89 8.61
C MET A 136 -5.86 -1.44 7.91
N LEU A 137 -6.49 -0.59 7.10
CA LEU A 137 -7.61 -0.99 6.24
C LEU A 137 -7.37 -0.46 4.82
N THR A 138 -7.65 -1.29 3.82
CA THR A 138 -7.59 -0.83 2.43
C THR A 138 -8.64 0.24 2.18
N LEU A 139 -8.21 1.40 1.68
CA LEU A 139 -9.15 2.40 1.20
C LEU A 139 -9.47 2.16 -0.28
N ASP A 140 -8.46 2.07 -1.12
CA ASP A 140 -8.62 1.73 -2.53
C ASP A 140 -7.32 1.10 -3.01
N LYS A 141 -7.22 0.84 -4.32
CA LYS A 141 -6.04 0.16 -4.84
C LYS A 141 -4.75 0.92 -4.61
N ASP A 142 -4.80 2.20 -4.25
CA ASP A 142 -3.59 3.01 -4.08
C ASP A 142 -3.35 3.47 -2.64
N ARG A 143 -4.33 3.33 -1.75
CA ARG A 143 -4.28 4.02 -0.46
C ARG A 143 -4.82 3.13 0.65
N ILE A 144 -4.17 3.24 1.81
CA ILE A 144 -4.45 2.45 3.00
C ILE A 144 -4.61 3.40 4.18
N ILE A 145 -5.62 3.15 5.03
CA ILE A 145 -5.74 3.90 6.28
C ILE A 145 -5.04 3.11 7.37
N ASP A 146 -4.07 3.75 8.03
CA ASP A 146 -3.36 3.17 9.16
C ASP A 146 -3.66 4.00 10.41
N ALA A 147 -4.53 3.48 11.28
CA ALA A 147 -4.87 4.18 12.50
C ALA A 147 -3.96 3.81 13.68
N GLY A 148 -2.79 3.21 13.40
CA GLY A 148 -1.89 2.78 14.43
C GLY A 148 -1.13 3.93 15.07
N PRO A 149 -0.33 4.64 14.26
CA PRO A 149 0.46 5.75 14.84
C PRO A 149 -0.40 6.92 15.27
N LYS A 150 -1.51 7.17 14.58
CA LYS A 150 -2.45 8.23 14.93
C LYS A 150 -3.85 7.79 14.52
N GLY A 151 -4.85 8.25 15.26
CA GLY A 151 -6.21 7.92 14.88
C GLY A 151 -7.25 8.49 15.81
N ASN A 152 -8.40 7.83 15.92
CA ASN A 152 -9.44 8.24 16.86
C ASN A 152 -9.94 6.97 17.57
N TYR A 153 -11.14 7.05 18.19
CA TYR A 153 -11.59 5.91 19.00
C TYR A 153 -11.80 4.64 18.19
N ALA A 154 -12.12 4.77 16.90
CA ALA A 154 -12.43 3.60 16.09
C ALA A 154 -11.29 2.59 16.03
N ARG A 155 -10.05 3.04 16.24
CA ARG A 155 -8.93 2.13 16.20
C ARG A 155 -9.01 1.07 17.31
N PHE A 156 -9.83 1.26 18.32
CA PHE A 156 -9.92 0.28 19.40
C PHE A 156 -11.00 -0.77 19.16
N MET A 157 -11.76 -0.69 18.06
CA MET A 157 -12.78 -1.71 17.82
C MET A 157 -12.15 -3.05 17.43
N ASN A 158 -12.54 -4.10 18.14
CA ASN A 158 -11.99 -5.42 17.89
C ASN A 158 -12.72 -6.13 16.76
N HIS A 159 -12.13 -7.25 16.33
CA HIS A 159 -12.72 -8.06 15.28
C HIS A 159 -13.70 -9.07 15.85
N CYS A 160 -14.82 -9.27 15.16
CA CYS A 160 -15.67 -10.41 15.43
C CYS A 160 -16.17 -11.00 14.12
N CYS A 161 -16.26 -12.33 14.07
CA CYS A 161 -16.72 -13.02 12.87
C CYS A 161 -18.22 -12.83 12.66
N GLN A 162 -18.94 -12.52 13.73
CA GLN A 162 -20.36 -12.18 13.69
C GLN A 162 -20.54 -10.87 14.46
N PRO A 163 -20.11 -9.76 13.85
CA PRO A 163 -19.97 -8.50 14.57
C PRO A 163 -21.30 -7.75 14.67
N ASN A 164 -21.27 -6.62 15.38
CA ASN A 164 -22.45 -5.76 15.43
C ASN A 164 -22.29 -4.47 14.63
N CYS A 165 -21.12 -4.23 14.02
CA CYS A 165 -20.91 -3.05 13.19
C CYS A 165 -20.33 -3.50 11.83
N GLU A 166 -20.40 -2.62 10.83
CA GLU A 166 -19.79 -2.87 9.53
C GLU A 166 -19.17 -1.60 8.99
N THR A 167 -18.15 -1.75 8.15
CA THR A 167 -17.63 -0.61 7.41
C THR A 167 -18.47 -0.34 6.16
N GLN A 168 -18.58 0.94 5.83
CA GLN A 168 -19.17 1.40 4.57
C GLN A 168 -18.27 2.49 4.01
N LYS A 169 -17.98 2.44 2.71
CA LYS A 169 -17.16 3.45 2.07
C LYS A 169 -18.08 4.48 1.43
N TRP A 170 -18.01 5.71 1.92
CA TRP A 170 -18.84 6.82 1.47
C TRP A 170 -17.98 7.81 0.71
N SER A 171 -18.64 8.60 -0.13
CA SER A 171 -18.01 9.75 -0.78
CA SER A 171 -18.00 9.74 -0.77
C SER A 171 -18.34 10.99 0.03
N VAL A 172 -17.33 11.78 0.34
CA VAL A 172 -17.50 13.01 1.12
C VAL A 172 -16.68 14.08 0.43
N ASN A 173 -17.36 15.08 -0.12
CA ASN A 173 -16.72 16.18 -0.86
C ASN A 173 -15.66 15.66 -1.84
N GLY A 174 -16.01 14.61 -2.58
CA GLY A 174 -15.17 14.14 -3.67
C GLY A 174 -14.08 13.15 -3.30
N ASP A 175 -14.05 12.64 -2.07
CA ASP A 175 -13.09 11.58 -1.75
C ASP A 175 -13.74 10.57 -0.82
N THR A 176 -13.11 9.41 -0.74
CA THR A 176 -13.65 8.26 -0.03
C THR A 176 -13.29 8.28 1.45
N ARG A 177 -14.25 7.94 2.31
CA ARG A 177 -14.04 7.79 3.75
C ARG A 177 -14.65 6.47 4.21
N VAL A 178 -14.10 5.90 5.28
CA VAL A 178 -14.62 4.66 5.86
C VAL A 178 -15.44 4.98 7.11
N GLY A 179 -16.73 4.68 7.07
CA GLY A 179 -17.60 4.86 8.21
C GLY A 179 -17.91 3.52 8.83
N LEU A 180 -18.21 3.53 10.12
CA LEU A 180 -18.67 2.34 10.83
C LEU A 180 -20.14 2.54 11.17
N PHE A 181 -20.96 1.52 10.92
CA PHE A 181 -22.40 1.63 11.07
C PHE A 181 -22.92 0.40 11.80
N ALA A 182 -23.97 0.58 12.60
CA ALA A 182 -24.53 -0.53 13.36
C ALA A 182 -25.30 -1.46 12.43
N LEU A 183 -25.07 -2.77 12.60
CA LEU A 183 -25.81 -3.80 11.89
C LEU A 183 -27.13 -4.14 12.57
N SER A 184 -27.31 -3.75 13.83
CA SER A 184 -28.50 -4.06 14.60
C SER A 184 -28.59 -3.06 15.74
N ASP A 185 -29.68 -3.13 16.51
CA ASP A 185 -29.77 -2.34 17.73
C ASP A 185 -28.70 -2.83 18.70
N ILE A 186 -27.97 -1.89 19.29
CA ILE A 186 -26.89 -2.21 20.25
C ILE A 186 -27.22 -1.51 21.56
N LYS A 187 -27.27 -2.28 22.65
CA LYS A 187 -27.55 -1.69 23.96
C LYS A 187 -26.30 -1.05 24.55
N ALA A 188 -26.52 0.05 25.29
CA ALA A 188 -25.45 0.69 26.04
C ALA A 188 -24.65 -0.33 26.84
N GLY A 189 -23.33 -0.13 26.88
CA GLY A 189 -22.43 -1.05 27.54
C GLY A 189 -21.91 -2.19 26.68
N THR A 190 -22.37 -2.33 25.44
CA THR A 190 -21.96 -3.46 24.59
C THR A 190 -20.68 -3.12 23.82
N GLU A 191 -19.77 -4.09 23.73
CA GLU A 191 -18.56 -3.92 22.91
C GLU A 191 -18.93 -3.80 21.43
N LEU A 192 -18.23 -2.90 20.74
CA LEU A 192 -18.43 -2.63 19.31
C LEU A 192 -17.36 -3.35 18.50
N THR A 193 -17.78 -4.14 17.51
CA THR A 193 -16.87 -4.96 16.71
C THR A 193 -17.24 -4.85 15.23
N PHE A 194 -16.27 -5.11 14.35
CA PHE A 194 -16.59 -5.32 12.95
C PHE A 194 -15.73 -6.47 12.42
N ASN A 195 -16.04 -6.88 11.19
CA ASN A 195 -15.32 -7.97 10.54
C ASN A 195 -14.12 -7.39 9.80
N TYR A 196 -12.91 -7.60 10.36
CA TYR A 196 -11.67 -7.11 9.78
C TYR A 196 -11.33 -7.76 8.45
N ASN A 197 -11.80 -8.99 8.23
CA ASN A 197 -11.18 -9.82 7.21
C ASN A 197 -11.47 -9.37 5.79
N LEU A 198 -12.44 -8.47 5.58
CA LEU A 198 -12.73 -7.97 4.23
C LEU A 198 -11.69 -6.98 3.73
N GLU A 199 -11.15 -6.15 4.63
CA GLU A 199 -10.33 -5.01 4.23
C GLU A 199 -9.02 -4.84 4.99
N CYS A 200 -8.77 -5.60 6.05
CA CYS A 200 -7.60 -5.33 6.88
C CYS A 200 -6.31 -5.75 6.19
N LEU A 201 -5.22 -5.11 6.59
CA LEU A 201 -3.86 -5.55 6.28
C LEU A 201 -3.06 -5.64 7.57
N GLY A 202 -2.14 -6.59 7.61
CA GLY A 202 -1.27 -6.71 8.77
C GLY A 202 -0.09 -7.61 8.49
N ASN A 203 0.56 -8.03 9.57
CA ASN A 203 1.69 -8.96 9.45
C ASN A 203 1.14 -10.39 9.59
N GLY A 204 0.77 -10.98 8.46
CA GLY A 204 0.25 -12.35 8.49
C GLY A 204 -1.11 -12.43 9.15
N LYS A 205 -1.32 -13.49 9.92
CA LYS A 205 -2.62 -13.74 10.56
C LYS A 205 -2.42 -14.10 12.02
N THR A 206 -3.52 -14.07 12.77
CA THR A 206 -3.47 -14.44 14.17
C THR A 206 -4.78 -15.08 14.57
N VAL A 207 -4.71 -15.99 15.56
CA VAL A 207 -5.90 -16.75 15.92
C VAL A 207 -6.99 -15.83 16.44
N CYS A 208 -8.21 -16.04 15.95
CA CYS A 208 -9.36 -15.26 16.38
C CYS A 208 -9.94 -15.80 17.68
N LYS A 209 -10.13 -14.91 18.65
CA LYS A 209 -10.71 -15.24 19.95
C LYS A 209 -12.11 -14.68 20.13
N CYS A 210 -12.82 -14.42 19.02
CA CYS A 210 -14.16 -13.84 19.11
C CYS A 210 -15.15 -14.82 19.73
N GLY A 211 -14.97 -16.12 19.50
CA GLY A 211 -15.85 -17.10 20.08
C GLY A 211 -17.25 -17.17 19.49
N ALA A 212 -17.47 -16.58 18.31
CA ALA A 212 -18.78 -16.66 17.70
C ALA A 212 -19.01 -18.07 17.15
N PRO A 213 -20.27 -18.51 17.05
CA PRO A 213 -20.53 -19.85 16.51
C PRO A 213 -19.94 -20.03 15.12
N ASN A 214 -19.96 -18.99 14.30
CA ASN A 214 -19.49 -19.05 12.92
C ASN A 214 -18.03 -18.65 12.80
N CYS A 215 -17.26 -18.66 13.88
CA CYS A 215 -15.89 -18.13 13.83
C CYS A 215 -15.09 -18.86 12.76
N SER A 216 -14.40 -18.07 11.93
CA SER A 216 -13.58 -18.60 10.85
C SER A 216 -12.15 -18.90 11.28
N GLY A 217 -11.79 -18.60 12.52
CA GLY A 217 -10.55 -19.05 13.11
C GLY A 217 -9.40 -18.04 13.09
N PHE A 218 -9.45 -17.01 12.22
CA PHE A 218 -8.31 -16.10 12.07
C PHE A 218 -8.76 -14.67 11.82
N LEU A 219 -7.96 -13.73 12.36
CA LEU A 219 -7.86 -12.37 11.84
C LEU A 219 -6.79 -12.37 10.78
N GLY A 220 -7.08 -11.78 9.64
CA GLY A 220 -6.08 -11.57 8.62
C GLY A 220 -6.19 -12.49 7.44
N VAL A 221 -7.36 -13.09 7.20
CA VAL A 221 -7.55 -14.04 6.12
C VAL A 221 -8.74 -13.55 5.30
N ARG A 222 -8.48 -13.16 4.05
CA ARG A 222 -9.59 -12.82 3.15
C ARG A 222 -10.53 -14.01 3.01
N PRO A 223 -11.85 -13.82 3.08
CA PRO A 223 -12.78 -14.96 3.13
C PRO A 223 -12.84 -15.74 1.81
N PRO B 5 28.67 -4.15 -25.47
CA PRO B 5 29.22 -3.66 -24.20
C PRO B 5 30.30 -4.61 -23.64
N PRO B 6 31.09 -4.13 -22.68
CA PRO B 6 32.09 -5.01 -22.08
C PRO B 6 31.45 -6.26 -21.50
N PRO B 7 32.21 -7.35 -21.41
CA PRO B 7 31.60 -8.63 -21.02
C PRO B 7 31.04 -8.60 -19.60
N TYR B 8 29.87 -9.21 -19.45
CA TYR B 8 29.26 -9.51 -18.17
C TYR B 8 28.52 -10.82 -18.35
N LYS B 9 28.25 -11.48 -17.24
CA LYS B 9 27.49 -12.72 -17.26
C LYS B 9 26.02 -12.36 -17.05
N HIS B 10 25.19 -12.69 -18.03
CA HIS B 10 23.76 -12.43 -17.93
C HIS B 10 23.09 -13.54 -17.12
N ILE B 11 22.49 -13.19 -15.98
CA ILE B 11 21.90 -14.18 -15.07
C ILE B 11 20.41 -13.88 -14.87
N LYS B 12 19.67 -14.91 -14.49
CA LYS B 12 18.22 -14.85 -14.34
C LYS B 12 17.77 -14.38 -12.96
N VAL B 13 18.44 -14.83 -11.90
CA VAL B 13 18.00 -14.60 -10.53
C VAL B 13 19.20 -14.22 -9.68
N ASN B 14 18.94 -13.58 -8.55
CA ASN B 14 20.00 -13.07 -7.70
C ASN B 14 20.94 -14.19 -7.25
N ARG B 15 22.23 -13.86 -7.17
CA ARG B 15 23.27 -14.82 -6.83
C ARG B 15 23.93 -14.42 -5.51
N PRO B 16 23.65 -15.11 -4.40
CA PRO B 16 24.24 -14.72 -3.11
C PRO B 16 25.73 -15.06 -3.07
N ILE B 17 26.51 -14.18 -2.44
CA ILE B 17 27.96 -14.31 -2.36
C ILE B 17 28.36 -14.55 -0.91
N GLY B 18 29.26 -15.51 -0.70
CA GLY B 18 29.85 -15.70 0.61
C GLY B 18 28.82 -16.00 1.68
N ARG B 19 28.84 -15.20 2.74
CA ARG B 19 28.02 -15.41 3.93
C ARG B 19 26.62 -14.84 3.79
N VAL B 20 26.31 -14.17 2.67
CA VAL B 20 25.03 -13.49 2.54
C VAL B 20 23.92 -14.50 2.70
N GLN B 21 22.94 -14.18 3.53
CA GLN B 21 21.82 -15.09 3.73
C GLN B 21 20.71 -14.79 2.74
N ILE B 22 20.01 -15.85 2.37
CA ILE B 22 18.83 -15.85 1.51
C ILE B 22 17.69 -16.41 2.35
N PHE B 23 16.49 -15.92 2.12
CA PHE B 23 15.34 -16.36 2.92
C PHE B 23 14.24 -16.91 2.02
N THR B 24 13.56 -17.95 2.51
CA THR B 24 12.34 -18.44 1.88
C THR B 24 11.25 -18.55 2.94
N ALA B 25 10.01 -18.69 2.49
CA ALA B 25 8.89 -18.74 3.39
C ALA B 25 8.28 -20.13 3.41
N ASP B 26 7.69 -20.51 4.54
CA ASP B 26 6.78 -21.65 4.52
C ASP B 26 5.49 -21.25 3.80
N LEU B 27 4.99 -22.17 2.98
CA LEU B 27 3.82 -21.85 2.14
C LEU B 27 2.66 -21.37 2.99
N SER B 28 2.53 -21.90 4.21
CA SER B 28 1.39 -21.52 5.05
C SER B 28 1.54 -20.12 5.61
N GLU B 29 2.68 -19.46 5.40
CA GLU B 29 2.95 -18.10 5.84
C GLU B 29 2.78 -17.06 4.74
N ILE B 30 2.67 -17.48 3.49
CA ILE B 30 2.57 -16.54 2.36
C ILE B 30 1.13 -16.01 2.28
N PRO B 31 0.94 -14.69 2.14
CA PRO B 31 -0.43 -14.17 1.99
C PRO B 31 -1.14 -14.83 0.82
N ARG B 32 -2.41 -15.17 1.03
CA ARG B 32 -3.21 -15.83 0.01
C ARG B 32 -4.51 -15.04 -0.13
N CYS B 33 -4.81 -14.62 -1.37
CA CYS B 33 -5.94 -13.74 -1.64
C CYS B 33 -7.22 -14.57 -1.79
N ASN B 34 -8.32 -13.90 -2.14
CA ASN B 34 -9.53 -14.61 -2.51
C ASN B 34 -9.94 -14.28 -3.94
N CYS B 35 -8.96 -14.04 -4.81
CA CYS B 35 -9.24 -13.96 -6.23
C CYS B 35 -9.60 -15.35 -6.74
N LYS B 36 -10.39 -15.39 -7.81
CA LYS B 36 -10.78 -16.65 -8.42
C LYS B 36 -10.28 -16.70 -9.85
N ALA B 37 -9.96 -17.93 -10.31
CA ALA B 37 -9.44 -18.08 -11.67
C ALA B 37 -10.43 -17.57 -12.71
N THR B 38 -11.72 -17.59 -12.38
CA THR B 38 -12.75 -17.13 -13.30
C THR B 38 -12.97 -15.63 -13.26
N ASP B 39 -12.32 -14.91 -12.33
CA ASP B 39 -12.42 -13.45 -12.32
C ASP B 39 -11.88 -12.89 -13.63
N GLU B 40 -12.30 -11.65 -13.95
CA GLU B 40 -11.89 -11.04 -15.21
CA GLU B 40 -11.90 -11.07 -15.22
C GLU B 40 -10.38 -10.87 -15.28
N ASN B 41 -9.79 -10.32 -14.21
CA ASN B 41 -8.33 -10.12 -14.14
C ASN B 41 -7.85 -10.49 -12.75
N PRO B 42 -7.67 -11.79 -12.48
CA PRO B 42 -7.32 -12.23 -11.12
C PRO B 42 -5.95 -11.69 -10.70
N CYS B 43 -5.90 -11.09 -9.52
CA CYS B 43 -4.67 -10.49 -8.97
C CYS B 43 -4.07 -9.44 -9.92
N GLY B 44 -4.93 -8.74 -10.65
CA GLY B 44 -4.46 -7.84 -11.68
C GLY B 44 -3.91 -6.52 -11.13
N ILE B 45 -3.30 -5.77 -12.03
CA ILE B 45 -2.55 -4.57 -11.65
C ILE B 45 -3.41 -3.55 -10.90
N ASP B 46 -4.71 -3.47 -11.21
CA ASP B 46 -5.60 -2.51 -10.56
C ASP B 46 -6.45 -3.14 -9.46
N SER B 47 -6.14 -4.36 -9.06
CA SER B 47 -6.98 -5.10 -8.13
C SER B 47 -6.68 -4.68 -6.69
N GLU B 48 -7.66 -4.86 -5.81
CA GLU B 48 -7.43 -4.75 -4.37
C GLU B 48 -7.06 -6.10 -3.74
N CYS B 49 -6.76 -7.09 -4.57
CA CYS B 49 -6.09 -8.34 -4.17
C CYS B 49 -5.12 -8.09 -3.02
N ILE B 50 -5.21 -8.88 -1.94
CA ILE B 50 -4.37 -8.57 -0.78
C ILE B 50 -2.89 -8.69 -1.13
N ASN B 51 -2.53 -9.59 -2.04
CA ASN B 51 -1.13 -9.67 -2.45
C ASN B 51 -0.68 -8.38 -3.14
N ARG B 52 -1.55 -7.78 -3.96
CA ARG B 52 -1.19 -6.50 -4.56
C ARG B 52 -1.06 -5.40 -3.51
N MET B 53 -2.00 -5.34 -2.56
CA MET B 53 -1.96 -4.32 -1.53
C MET B 53 -0.67 -4.39 -0.72
N LEU B 54 -0.16 -5.61 -0.51
CA LEU B 54 1.00 -5.85 0.33
C LEU B 54 2.32 -5.82 -0.42
N LEU B 55 2.29 -5.65 -1.74
CA LEU B 55 3.49 -5.80 -2.56
C LEU B 55 4.16 -7.13 -2.24
N TYR B 56 3.34 -8.17 -2.16
CA TYR B 56 3.79 -9.54 -1.90
C TYR B 56 3.34 -10.37 -3.09
N GLU B 57 4.28 -10.70 -3.97
CA GLU B 57 3.97 -11.49 -5.16
C GLU B 57 3.28 -12.80 -4.78
N CYS B 58 2.23 -13.16 -5.53
CA CYS B 58 1.55 -14.43 -5.30
C CYS B 58 2.50 -15.58 -5.54
N HIS B 59 2.47 -16.55 -4.64
CA HIS B 59 3.28 -17.75 -4.83
C HIS B 59 2.53 -18.76 -5.71
N PRO B 60 3.21 -19.38 -6.69
CA PRO B 60 2.50 -20.29 -7.61
C PRO B 60 1.85 -21.50 -6.95
N THR B 61 2.33 -21.92 -5.80
CA THR B 61 1.69 -23.02 -5.09
C THR B 61 0.56 -22.55 -4.17
N VAL B 62 0.39 -21.25 -3.98
CA VAL B 62 -0.51 -20.72 -2.96
C VAL B 62 -1.72 -20.03 -3.56
N CYS B 63 -1.54 -19.24 -4.59
CA CYS B 63 -2.63 -18.32 -5.00
C CYS B 63 -3.82 -19.11 -5.53
N PRO B 64 -5.04 -18.81 -5.08
CA PRO B 64 -6.20 -19.61 -5.53
C PRO B 64 -6.48 -19.48 -7.01
N ALA B 65 -5.97 -18.44 -7.68
CA ALA B 65 -6.27 -18.26 -9.10
C ALA B 65 -5.40 -19.14 -9.99
N GLY B 66 -4.37 -19.79 -9.43
CA GLY B 66 -3.57 -20.74 -10.19
C GLY B 66 -2.93 -20.11 -11.42
N GLY B 67 -3.02 -20.83 -12.54
CA GLY B 67 -2.44 -20.36 -13.80
C GLY B 67 -3.00 -19.05 -14.33
N ARG B 68 -4.14 -18.58 -13.80
CA ARG B 68 -4.73 -17.32 -14.25
C ARG B 68 -4.34 -16.14 -13.36
N CYS B 69 -3.56 -16.36 -12.31
CA CYS B 69 -3.04 -15.27 -11.48
C CYS B 69 -2.17 -14.34 -12.31
N GLN B 70 -2.44 -13.03 -12.22
CA GLN B 70 -1.66 -12.04 -12.95
C GLN B 70 -0.61 -11.34 -12.07
N ASN B 71 -0.29 -11.90 -10.91
CA ASN B 71 0.64 -11.28 -9.96
C ASN B 71 1.84 -12.19 -9.68
N GLN B 72 2.44 -12.78 -10.71
CA GLN B 72 3.65 -13.59 -10.56
C GLN B 72 4.79 -13.06 -11.45
N CYS B 73 4.89 -11.72 -11.55
CA CYS B 73 5.78 -11.07 -12.51
C CYS B 73 7.25 -11.39 -12.24
N PHE B 74 7.66 -11.36 -10.96
CA PHE B 74 9.07 -11.58 -10.65
C PHE B 74 9.49 -13.00 -10.98
N SER B 75 8.66 -13.98 -10.60
CA SER B 75 9.07 -15.38 -10.79
C SER B 75 8.99 -15.81 -12.24
N LYS B 76 8.06 -15.25 -13.00
CA LYS B 76 7.91 -15.65 -14.39
C LYS B 76 8.88 -14.92 -15.32
N ARG B 77 9.45 -13.81 -14.86
CA ARG B 77 10.48 -13.07 -15.61
C ARG B 77 10.03 -12.72 -17.03
N GLN B 78 8.76 -12.40 -17.19
CA GLN B 78 8.28 -11.90 -18.47
C GLN B 78 8.33 -10.38 -18.36
N TYR B 79 9.37 -9.83 -18.94
CA TYR B 79 9.72 -8.42 -19.03
C TYR B 79 9.31 -7.87 -20.39
N PRO B 80 8.87 -6.62 -20.46
CA PRO B 80 8.80 -5.95 -21.75
C PRO B 80 10.12 -6.12 -22.49
N GLU B 81 10.03 -6.40 -23.80
CA GLU B 81 11.23 -6.51 -24.62
C GLU B 81 12.01 -5.20 -24.61
N VAL B 82 13.35 -5.33 -24.58
CA VAL B 82 14.27 -4.19 -24.49
C VAL B 82 15.49 -4.44 -25.38
N GLU B 83 16.31 -3.41 -25.52
CA GLU B 83 17.56 -3.52 -26.28
C GLU B 83 18.59 -2.56 -25.71
N ILE B 84 19.84 -3.01 -25.66
CA ILE B 84 20.97 -2.19 -25.25
C ILE B 84 21.39 -1.30 -26.42
N PHE B 85 21.67 -0.03 -26.14
CA PHE B 85 22.07 0.89 -27.20
C PHE B 85 23.12 1.87 -26.66
N ARG B 86 23.91 2.43 -27.57
CA ARG B 86 24.96 3.37 -27.18
C ARG B 86 24.38 4.76 -27.05
N THR B 87 24.53 5.37 -25.87
CA THR B 87 24.11 6.75 -25.69
C THR B 87 25.24 7.68 -26.13
N LEU B 88 24.94 8.98 -26.14
CA LEU B 88 25.94 9.96 -26.54
C LEU B 88 26.97 10.21 -25.44
N GLN B 89 26.51 10.49 -24.23
CA GLN B 89 27.39 10.89 -23.14
C GLN B 89 27.30 10.01 -21.90
N ARG B 90 26.43 9.00 -21.88
CA ARG B 90 26.17 8.25 -20.66
C ARG B 90 26.48 6.77 -20.83
N GLY B 91 27.39 6.44 -21.74
CA GLY B 91 27.79 5.05 -21.95
C GLY B 91 26.67 4.26 -22.59
N TRP B 92 26.54 2.99 -22.20
CA TRP B 92 25.46 2.16 -22.73
C TRP B 92 24.17 2.43 -21.96
N GLY B 93 23.05 2.29 -22.66
CA GLY B 93 21.73 2.48 -22.07
C GLY B 93 20.79 1.35 -22.45
N LEU B 94 19.57 1.44 -21.94
CA LEU B 94 18.55 0.44 -22.23
C LEU B 94 17.28 1.14 -22.69
N ARG B 95 16.68 0.65 -23.78
CA ARG B 95 15.41 1.21 -24.25
C ARG B 95 14.42 0.09 -24.54
N THR B 96 13.13 0.44 -24.51
CA THR B 96 12.10 -0.54 -24.73
CA THR B 96 12.05 -0.50 -24.74
C THR B 96 11.86 -0.77 -26.22
N LYS B 97 11.41 -1.98 -26.55
CA LYS B 97 10.95 -2.31 -27.89
C LYS B 97 9.46 -2.54 -27.93
N THR B 98 8.75 -2.09 -26.88
CA THR B 98 7.32 -2.30 -26.77
C THR B 98 6.74 -1.20 -25.89
N ASP B 99 5.45 -0.90 -26.11
CA ASP B 99 4.78 0.10 -25.28
C ASP B 99 4.60 -0.45 -23.86
N ILE B 100 4.80 0.40 -22.86
CA ILE B 100 4.58 0.05 -21.46
C ILE B 100 3.58 1.02 -20.86
N LYS B 101 2.66 0.52 -20.03
CA LYS B 101 1.70 1.39 -19.37
C LYS B 101 2.17 1.81 -17.98
N LYS B 102 1.75 3.00 -17.56
CA LYS B 102 1.99 3.49 -16.23
C LYS B 102 1.69 2.40 -15.20
N GLY B 103 2.60 2.22 -14.26
CA GLY B 103 2.45 1.25 -13.21
C GLY B 103 2.88 -0.16 -13.54
N GLU B 104 3.13 -0.48 -14.81
CA GLU B 104 3.44 -1.84 -15.22
CA GLU B 104 3.43 -1.86 -15.18
C GLU B 104 4.84 -2.25 -14.77
N PHE B 105 5.02 -3.56 -14.52
CA PHE B 105 6.30 -4.16 -14.18
C PHE B 105 7.23 -4.12 -15.39
N VAL B 106 8.43 -3.59 -15.21
CA VAL B 106 9.40 -3.40 -16.28
C VAL B 106 10.55 -4.42 -16.19
N ASN B 107 11.06 -4.66 -14.99
CA ASN B 107 12.22 -5.53 -14.86
C ASN B 107 12.43 -5.80 -13.37
N GLU B 108 13.31 -6.75 -13.08
CA GLU B 108 13.85 -6.94 -11.73
C GLU B 108 15.33 -6.57 -11.75
N TYR B 109 15.76 -5.82 -10.74
CA TYR B 109 17.17 -5.46 -10.61
C TYR B 109 17.90 -6.67 -10.02
N VAL B 110 18.48 -7.48 -10.90
CA VAL B 110 19.11 -8.76 -10.55
C VAL B 110 20.63 -8.58 -10.57
N GLY B 111 21.30 -9.18 -9.59
CA GLY B 111 22.74 -9.15 -9.60
C GLY B 111 23.29 -10.09 -8.55
N GLU B 112 24.56 -9.89 -8.20
CA GLU B 112 25.14 -10.63 -7.10
C GLU B 112 24.76 -9.98 -5.78
N LEU B 113 24.28 -10.79 -4.82
CA LEU B 113 23.86 -10.30 -3.52
C LEU B 113 25.03 -10.41 -2.56
N ILE B 114 25.54 -9.27 -2.10
CA ILE B 114 26.80 -9.21 -1.36
C ILE B 114 26.57 -8.50 -0.04
N ASP B 115 27.44 -8.81 0.93
CA ASP B 115 27.34 -8.18 2.24
C ASP B 115 28.30 -7.00 2.30
N GLU B 116 28.34 -6.34 3.47
CA GLU B 116 29.09 -5.10 3.57
C GLU B 116 30.58 -5.33 3.37
N GLU B 117 31.11 -6.45 3.87
CA GLU B 117 32.54 -6.74 3.69
C GLU B 117 32.90 -6.89 2.21
N GLU B 118 32.10 -7.67 1.47
CA GLU B 118 32.34 -7.86 0.05
C GLU B 118 32.12 -6.56 -0.73
N CYS B 119 31.12 -5.78 -0.33
CA CYS B 119 30.90 -4.49 -0.99
C CYS B 119 32.13 -3.59 -0.84
N ARG B 120 32.68 -3.54 0.37
CA ARG B 120 33.91 -2.78 0.63
C ARG B 120 35.04 -3.23 -0.30
N ALA B 121 35.24 -4.55 -0.42
CA ALA B 121 36.29 -5.07 -1.30
C ALA B 121 36.09 -4.62 -2.75
N ARG B 122 34.85 -4.66 -3.24
CA ARG B 122 34.61 -4.33 -4.64
C ARG B 122 34.74 -2.83 -4.90
N ILE B 123 34.31 -2.00 -3.94
CA ILE B 123 34.47 -0.56 -4.10
C ILE B 123 35.94 -0.16 -4.02
N ARG B 124 36.68 -0.76 -3.08
CA ARG B 124 38.12 -0.52 -3.03
C ARG B 124 38.78 -0.90 -4.34
N TYR B 125 38.42 -2.08 -4.88
CA TYR B 125 39.01 -2.52 -6.15
C TYR B 125 38.67 -1.55 -7.28
N ALA B 126 37.43 -1.07 -7.32
CA ALA B 126 37.04 -0.16 -8.39
C ALA B 126 37.87 1.13 -8.36
N GLN B 127 38.12 1.66 -7.17
CA GLN B 127 38.86 2.92 -7.08
C GLN B 127 40.34 2.74 -7.42
N GLU B 128 40.93 1.60 -7.05
CA GLU B 128 42.32 1.36 -7.43
C GLU B 128 42.49 1.14 -8.93
N HIS B 129 41.41 0.93 -9.68
CA HIS B 129 41.51 0.68 -11.11
C HIS B 129 40.76 1.71 -11.94
N ASP B 130 40.38 2.85 -11.33
CA ASP B 130 39.73 3.96 -12.04
C ASP B 130 38.44 3.52 -12.74
N ILE B 131 37.72 2.60 -12.12
CA ILE B 131 36.43 2.14 -12.66
C ILE B 131 35.38 3.22 -12.39
N THR B 132 34.67 3.62 -13.45
CA THR B 132 33.72 4.72 -13.37
C THR B 132 32.27 4.29 -13.56
N ASN B 133 32.00 2.98 -13.70
CA ASN B 133 30.65 2.45 -13.79
C ASN B 133 30.35 1.63 -12.55
N PHE B 134 29.23 1.93 -11.89
CA PHE B 134 28.81 1.18 -10.72
C PHE B 134 27.39 0.69 -10.90
N TYR B 135 27.10 -0.43 -10.23
CA TYR B 135 25.87 -1.20 -10.45
C TYR B 135 25.29 -1.70 -9.14
N MET B 136 25.51 -0.97 -8.05
CA MET B 136 25.14 -1.41 -6.71
C MET B 136 23.91 -0.66 -6.19
N LEU B 137 22.91 -1.41 -5.72
CA LEU B 137 21.76 -0.86 -5.02
C LEU B 137 21.59 -1.59 -3.70
N THR B 138 21.27 -0.86 -2.64
CA THR B 138 21.04 -1.50 -1.36
C THR B 138 19.71 -2.26 -1.39
N LEU B 139 19.73 -3.52 -0.98
CA LEU B 139 18.50 -4.31 -0.86
C LEU B 139 17.86 -4.10 0.51
N ASP B 140 18.66 -4.25 1.56
CA ASP B 140 18.26 -3.89 2.92
C ASP B 140 19.51 -3.42 3.65
N LYS B 141 19.43 -3.34 4.99
CA LYS B 141 20.54 -2.80 5.77
C LYS B 141 21.80 -3.65 5.69
N ASP B 142 21.67 -4.94 5.38
CA ASP B 142 22.80 -5.86 5.40
C ASP B 142 23.23 -6.37 4.03
N ARG B 143 22.44 -6.13 2.99
CA ARG B 143 22.66 -6.77 1.70
C ARG B 143 22.54 -5.77 0.57
N ILE B 144 23.43 -5.91 -0.41
CA ILE B 144 23.55 -5.02 -1.57
C ILE B 144 23.48 -5.87 -2.83
N ILE B 145 22.79 -5.38 -3.85
CA ILE B 145 22.75 -6.05 -5.15
C ILE B 145 23.80 -5.39 -6.03
N ASP B 146 24.76 -6.17 -6.51
CA ASP B 146 25.79 -5.69 -7.43
C ASP B 146 25.54 -6.34 -8.78
N ALA B 147 25.01 -5.57 -9.73
CA ALA B 147 24.71 -6.06 -11.06
C ALA B 147 25.89 -5.90 -12.03
N GLY B 148 27.08 -5.61 -11.51
CA GLY B 148 28.25 -5.36 -12.34
C GLY B 148 28.84 -6.61 -12.95
N PRO B 149 29.39 -7.51 -12.11
CA PRO B 149 29.96 -8.74 -12.66
C PRO B 149 28.94 -9.61 -13.35
N LYS B 150 27.74 -9.70 -12.78
CA LYS B 150 26.66 -10.52 -13.30
C LYS B 150 25.36 -9.77 -13.07
N GLY B 151 24.50 -9.73 -14.09
CA GLY B 151 23.21 -9.08 -13.92
C GLY B 151 22.29 -9.48 -15.05
N ASN B 152 21.18 -8.73 -15.17
CA ASN B 152 20.32 -8.86 -16.34
C ASN B 152 20.26 -7.52 -17.06
N TYR B 153 19.22 -7.27 -17.86
CA TYR B 153 19.23 -6.03 -18.64
C TYR B 153 19.07 -4.78 -17.80
N ALA B 154 18.57 -4.91 -16.56
CA ALA B 154 18.37 -3.73 -15.73
C ALA B 154 19.67 -2.99 -15.45
N ARG B 155 20.81 -3.71 -15.48
CA ARG B 155 22.09 -3.09 -15.20
C ARG B 155 22.43 -1.98 -16.18
N PHE B 156 21.78 -1.95 -17.34
CA PHE B 156 22.04 -0.95 -18.35
C PHE B 156 21.16 0.29 -18.22
N MET B 157 20.21 0.31 -17.29
CA MET B 157 19.35 1.48 -17.15
C MET B 157 20.12 2.63 -16.51
N ASN B 158 20.14 3.77 -17.20
CA ASN B 158 20.88 4.93 -16.73
C ASN B 158 20.06 5.73 -15.74
N HIS B 159 20.72 6.67 -15.09
CA HIS B 159 20.11 7.51 -14.08
C HIS B 159 19.48 8.73 -14.71
N CYS B 160 18.33 9.16 -14.18
CA CYS B 160 17.82 10.48 -14.51
C CYS B 160 17.15 11.04 -13.27
N CYS B 161 17.33 12.36 -13.06
CA CYS B 161 16.70 13.02 -11.92
C CYS B 161 15.20 13.17 -12.09
N GLN B 162 14.69 13.10 -13.32
CA GLN B 162 13.25 13.05 -13.60
C GLN B 162 12.95 11.85 -14.50
N PRO B 163 12.98 10.63 -13.94
CA PRO B 163 12.99 9.40 -14.76
C PRO B 163 11.61 8.91 -15.17
N ASN B 164 11.55 7.84 -15.97
CA ASN B 164 10.27 7.22 -16.29
C ASN B 164 10.04 5.90 -15.57
N CYS B 165 11.00 5.42 -14.77
CA CYS B 165 10.79 4.21 -13.98
C CYS B 165 11.15 4.50 -12.54
N GLU B 166 10.70 3.62 -11.63
CA GLU B 166 11.06 3.69 -10.22
C GLU B 166 11.33 2.28 -9.70
N THR B 167 12.19 2.18 -8.69
CA THR B 167 12.30 0.92 -7.97
C THR B 167 11.16 0.80 -6.96
N GLN B 168 10.70 -0.44 -6.76
CA GLN B 168 9.77 -0.79 -5.69
C GLN B 168 10.28 -2.07 -5.05
N LYS B 169 10.36 -2.09 -3.71
CA LYS B 169 10.74 -3.33 -3.03
C LYS B 169 9.49 -4.17 -2.76
N TRP B 170 9.53 -5.43 -3.20
CA TRP B 170 8.45 -6.38 -3.06
C TRP B 170 8.94 -7.57 -2.24
N SER B 171 7.99 -8.28 -1.63
CA SER B 171 8.25 -9.60 -1.09
C SER B 171 7.96 -10.64 -2.18
N VAL B 172 8.85 -11.61 -2.32
CA VAL B 172 8.63 -12.78 -3.16
C VAL B 172 9.11 -13.99 -2.39
N ASN B 173 8.20 -14.93 -2.10
CA ASN B 173 8.58 -16.21 -1.49
C ASN B 173 9.47 -16.01 -0.26
N GLY B 174 9.11 -15.04 0.59
CA GLY B 174 9.76 -14.92 1.87
C GLY B 174 11.01 -14.04 1.91
N ASP B 175 11.37 -13.36 0.82
CA ASP B 175 12.50 -12.43 0.85
C ASP B 175 12.15 -11.21 0.01
N THR B 176 13.02 -10.20 0.07
CA THR B 176 12.81 -8.95 -0.65
C THR B 176 13.50 -8.97 -2.02
N ARG B 177 12.82 -8.43 -3.02
CA ARG B 177 13.36 -8.26 -4.38
C ARG B 177 13.14 -6.83 -4.84
N VAL B 178 14.01 -6.35 -5.74
CA VAL B 178 13.89 -4.99 -6.26
C VAL B 178 13.29 -5.04 -7.66
N GLY B 179 12.09 -4.52 -7.83
CA GLY B 179 11.48 -4.39 -9.13
C GLY B 179 11.56 -2.97 -9.67
N LEU B 180 11.47 -2.87 -10.98
CA LEU B 180 11.42 -1.59 -11.67
C LEU B 180 10.04 -1.48 -12.31
N PHE B 181 9.38 -0.35 -12.10
CA PHE B 181 8.01 -0.16 -12.56
C PHE B 181 7.89 1.18 -13.26
N ALA B 182 6.98 1.26 -14.24
CA ALA B 182 6.84 2.47 -15.03
C ALA B 182 6.10 3.56 -14.23
N LEU B 183 6.65 4.78 -14.27
CA LEU B 183 6.03 5.93 -13.63
C LEU B 183 4.98 6.59 -14.51
N SER B 184 4.97 6.27 -15.80
CA SER B 184 4.04 6.84 -16.76
C SER B 184 3.98 5.88 -17.94
N ASP B 185 3.08 6.15 -18.87
CA ASP B 185 3.10 5.42 -20.14
C ASP B 185 4.42 5.69 -20.84
N ILE B 186 5.01 4.65 -21.44
CA ILE B 186 6.32 4.76 -22.08
C ILE B 186 6.19 4.23 -23.49
N LYS B 187 6.57 5.06 -24.47
CA LYS B 187 6.45 4.68 -25.87
C LYS B 187 7.54 3.68 -26.26
N ALA B 188 7.16 2.67 -27.05
CA ALA B 188 8.15 1.76 -27.63
C ALA B 188 9.28 2.52 -28.31
N GLY B 189 10.50 2.28 -27.85
CA GLY B 189 11.68 2.97 -28.33
C GLY B 189 12.32 3.91 -27.34
N THR B 190 11.63 4.26 -26.25
CA THR B 190 12.14 5.25 -25.30
C THR B 190 13.17 4.62 -24.35
N GLU B 191 14.20 5.38 -24.00
CA GLU B 191 15.18 4.91 -23.03
C GLU B 191 14.55 4.79 -21.65
N LEU B 192 14.92 3.74 -20.92
CA LEU B 192 14.40 3.50 -19.57
C LEU B 192 15.40 3.98 -18.54
N THR B 193 14.94 4.80 -17.60
CA THR B 193 15.79 5.38 -16.57
C THR B 193 15.12 5.27 -15.21
N PHE B 194 15.93 5.32 -14.15
CA PHE B 194 15.38 5.49 -12.81
C PHE B 194 16.29 6.41 -12.00
N ASN B 195 15.81 6.85 -10.84
CA ASN B 195 16.59 7.74 -9.98
C ASN B 195 17.49 6.90 -9.07
N TYR B 196 18.79 6.91 -9.35
CA TYR B 196 19.76 6.12 -8.58
C TYR B 196 19.86 6.57 -7.13
N ASN B 197 19.55 7.84 -6.87
CA ASN B 197 20.13 8.51 -5.71
C ASN B 197 19.49 8.12 -4.39
N LEU B 198 18.40 7.34 -4.39
CA LEU B 198 17.88 6.84 -3.13
C LEU B 198 18.66 5.64 -2.62
N GLU B 199 19.09 4.75 -3.52
CA GLU B 199 19.58 3.45 -3.10
C GLU B 199 20.95 3.08 -3.62
N CYS B 200 21.58 3.91 -4.45
CA CYS B 200 22.81 3.46 -5.08
C CYS B 200 24.00 3.58 -4.13
N LEU B 201 25.01 2.76 -4.39
CA LEU B 201 26.33 2.89 -3.80
C LEU B 201 27.36 2.99 -4.92
N GLY B 202 28.36 3.84 -4.73
CA GLY B 202 29.41 3.94 -5.72
C GLY B 202 30.74 4.35 -5.11
N ASN B 203 31.71 4.69 -5.96
CA ASN B 203 32.94 5.32 -5.48
C ASN B 203 32.76 6.82 -5.62
N GLY B 204 32.11 7.39 -4.60
CA GLY B 204 31.93 8.82 -4.54
C GLY B 204 30.84 9.38 -5.42
N LYS B 205 31.25 10.24 -6.34
CA LYS B 205 30.40 11.27 -6.92
C LYS B 205 30.78 11.42 -8.39
N THR B 206 29.79 11.62 -9.26
CA THR B 206 30.11 11.94 -10.65
C THR B 206 29.03 12.85 -11.23
N VAL B 207 29.45 13.68 -12.19
CA VAL B 207 28.56 14.65 -12.82
C VAL B 207 27.39 13.92 -13.49
N CYS B 208 26.18 14.41 -13.25
CA CYS B 208 24.98 13.87 -13.87
C CYS B 208 24.72 14.59 -15.18
N LYS B 209 24.63 13.83 -16.27
CA LYS B 209 24.36 14.37 -17.59
C LYS B 209 22.90 14.15 -18.01
N CYS B 210 21.98 14.09 -17.05
CA CYS B 210 20.58 13.82 -17.38
C CYS B 210 19.90 15.03 -17.99
N GLY B 211 20.28 16.24 -17.58
CA GLY B 211 19.73 17.44 -18.17
C GLY B 211 18.31 17.77 -17.78
N ALA B 212 17.76 17.11 -16.76
CA ALA B 212 16.39 17.38 -16.36
C ALA B 212 16.29 18.75 -15.68
N PRO B 213 15.16 19.45 -15.84
CA PRO B 213 14.97 20.75 -15.19
C PRO B 213 15.36 20.75 -13.72
N ASN B 214 15.09 19.65 -13.01
CA ASN B 214 15.33 19.55 -11.59
C ASN B 214 16.64 18.86 -11.24
N CYS B 215 17.56 18.73 -12.20
CA CYS B 215 18.73 17.87 -12.03
C CYS B 215 19.52 18.23 -10.78
N SER B 216 19.79 17.20 -9.96
CA SER B 216 20.52 17.34 -8.71
C SER B 216 21.99 17.70 -8.91
N GLY B 217 22.52 17.52 -10.12
CA GLY B 217 23.89 17.79 -10.43
C GLY B 217 24.80 16.58 -10.39
N PHE B 218 24.48 15.56 -9.60
CA PHE B 218 25.42 14.46 -9.40
C PHE B 218 24.70 13.13 -9.21
N LEU B 219 25.36 12.08 -9.69
CA LEU B 219 25.08 10.73 -9.24
C LEU B 219 25.83 10.48 -7.93
N GLY B 220 25.13 9.98 -6.93
CA GLY B 220 25.74 9.63 -5.67
C GLY B 220 25.48 10.59 -4.53
N VAL B 221 24.48 11.45 -4.64
CA VAL B 221 24.13 12.42 -3.61
C VAL B 221 22.69 12.17 -3.21
N ARG B 222 22.46 11.81 -1.96
CA ARG B 222 21.11 11.54 -1.50
C ARG B 222 20.29 12.84 -1.50
N PRO B 223 18.97 12.74 -1.72
CA PRO B 223 18.08 13.91 -1.79
C PRO B 223 18.15 14.82 -0.56
#